data_6CU2
#
_entry.id   6CU2
#
_cell.length_a   59.865
_cell.length_b   59.865
_cell.length_c   398.049
_cell.angle_alpha   90.000
_cell.angle_beta   90.000
_cell.angle_gamma   120.000
#
_symmetry.space_group_name_H-M   'P 63 2 2'
#
loop_
_entity.id
_entity.type
_entity.pdbx_description
1 polymer 'R2-type pyocin'
2 non-polymer 'MAGNESIUM ION'
3 non-polymer 'NICKEL (II) ION'
4 water water
#
_entity_poly.entity_id   1
_entity_poly.type   'polypeptide(L)'
_entity_poly.pdbx_seq_one_letter_code
;MHHHHHHSSGVDLGTENLYFQSNAGSFTKEADGELPGGVNLDSMVTSGWWSQSFTAQAASGANYPIVRAGLLHVYAASSN
FIYQTYQAYDGESFYFRCRHSNTWFPWRRMWHGGDFNPSDYLLKSGFYWNALPGKPATFPPSAHNHDVGQLTSGILPLAR
GGVGSNTAAGARSTIGAGVPATASLGASGWWRDNDTGLIRQWGQVTCPADADASITFPIPFPTLCLGGYANQTSAFHPGT
DASTGFRGATTTTAVIRNGYFAQAVLSWEAFGR
;
_entity_poly.pdbx_strand_id   A
#
loop_
_chem_comp.id
_chem_comp.type
_chem_comp.name
_chem_comp.formula
MG non-polymer 'MAGNESIUM ION' 'Mg 2'
NI non-polymer 'NICKEL (II) ION' 'Ni 2'
#
# COMPACT_ATOMS: atom_id res chain seq x y z
N GLY A 25 -27.89 -80.81 5.60
CA GLY A 25 -28.21 -80.43 6.97
C GLY A 25 -28.65 -78.98 7.15
N SER A 26 -28.48 -78.45 8.35
CA SER A 26 -28.88 -77.09 8.66
C SER A 26 -27.73 -76.37 9.37
N PHE A 27 -27.84 -75.04 9.47
CA PHE A 27 -26.90 -74.28 10.28
C PHE A 27 -27.09 -74.66 11.73
N THR A 28 -26.01 -75.10 12.37
CA THR A 28 -26.06 -75.64 13.72
C THR A 28 -25.56 -74.61 14.73
N LYS A 29 -25.92 -74.86 16.00
CA LYS A 29 -25.43 -74.03 17.10
C LYS A 29 -23.93 -74.19 17.29
N GLU A 30 -23.38 -75.35 16.94
CA GLU A 30 -21.93 -75.51 16.89
C GLU A 30 -21.42 -75.08 15.52
N ALA A 31 -20.24 -74.46 15.51
CA ALA A 31 -19.62 -74.13 14.24
C ALA A 31 -19.32 -75.41 13.48
N ASP A 32 -19.40 -75.32 12.14
CA ASP A 32 -19.05 -76.46 11.32
C ASP A 32 -17.62 -76.91 11.53
N GLY A 33 -16.74 -76.01 11.91
CA GLY A 33 -15.36 -76.40 12.08
C GLY A 33 -14.47 -75.21 12.29
N GLU A 34 -13.25 -75.53 12.68
CA GLU A 34 -12.17 -74.57 12.83
C GLU A 34 -11.33 -74.56 11.57
N LEU A 35 -11.06 -73.39 11.04
CA LEU A 35 -10.20 -73.23 9.87
C LEU A 35 -8.74 -73.37 10.29
N PRO A 36 -8.01 -74.32 9.77
CA PRO A 36 -6.58 -74.39 10.10
C PRO A 36 -5.80 -73.41 9.28
N GLY A 37 -4.50 -73.61 9.17
CA GLY A 37 -3.71 -72.79 8.29
C GLY A 37 -3.86 -73.22 6.86
N GLY A 38 -3.44 -72.33 5.96
CA GLY A 38 -3.43 -72.63 4.53
C GLY A 38 -4.78 -72.90 3.92
N VAL A 39 -5.83 -72.25 4.39
CA VAL A 39 -7.15 -72.40 3.79
C VAL A 39 -7.32 -71.31 2.75
N ASN A 40 -7.64 -71.71 1.52
CA ASN A 40 -8.06 -70.74 0.51
C ASN A 40 -9.55 -70.52 0.71
N LEU A 41 -9.94 -69.30 1.07
CA LEU A 41 -11.36 -69.06 1.30
C LEU A 41 -12.19 -69.25 0.04
N ASP A 42 -11.56 -69.27 -1.13
CA ASP A 42 -12.27 -69.56 -2.37
C ASP A 42 -12.83 -70.96 -2.37
N SER A 43 -12.22 -71.85 -1.60
CA SER A 43 -12.65 -73.24 -1.55
C SER A 43 -13.80 -73.50 -0.58
N MET A 44 -14.15 -72.53 0.27
CA MET A 44 -15.19 -72.70 1.28
C MET A 44 -16.52 -72.39 0.62
N VAL A 45 -17.03 -73.33 -0.15
CA VAL A 45 -18.20 -73.10 -0.98
C VAL A 45 -19.40 -73.91 -0.50
N THR A 46 -19.32 -74.46 0.71
CA THR A 46 -20.40 -75.18 1.36
C THR A 46 -20.99 -74.30 2.45
N SER A 47 -22.32 -74.27 2.53
CA SER A 47 -22.98 -73.41 3.52
C SER A 47 -22.63 -73.85 4.93
N GLY A 48 -22.48 -72.87 5.81
CA GLY A 48 -22.16 -73.11 7.19
C GLY A 48 -21.45 -71.90 7.76
N TRP A 49 -20.83 -72.11 8.92
CA TRP A 49 -20.00 -71.07 9.49
C TRP A 49 -18.79 -71.73 10.13
N TRP A 50 -17.64 -71.08 10.00
CA TRP A 50 -16.34 -71.60 10.38
C TRP A 50 -15.55 -70.51 11.09
N SER A 51 -14.75 -70.91 12.04
CA SER A 51 -13.99 -69.99 12.87
C SER A 51 -12.50 -70.14 12.58
N GLN A 52 -11.83 -69.03 12.39
CA GLN A 52 -10.37 -69.00 12.29
C GLN A 52 -9.85 -68.47 13.62
N SER A 53 -9.24 -69.34 14.41
CA SER A 53 -8.86 -68.94 15.75
C SER A 53 -7.51 -68.22 15.83
N PHE A 54 -6.74 -68.18 14.75
CA PHE A 54 -5.37 -67.71 14.83
C PHE A 54 -5.04 -66.79 13.67
N THR A 55 -4.74 -65.53 13.98
CA THR A 55 -4.34 -64.58 12.95
C THR A 55 -3.26 -65.18 12.03
N ALA A 56 -2.30 -65.91 12.60
CA ALA A 56 -1.22 -66.44 11.78
C ALA A 56 -1.72 -67.50 10.83
N GLN A 57 -2.75 -68.26 11.22
CA GLN A 57 -3.35 -69.22 10.31
C GLN A 57 -4.12 -68.54 9.20
N ALA A 58 -4.58 -67.32 9.42
CA ALA A 58 -5.10 -66.54 8.30
C ALA A 58 -3.98 -66.09 7.38
N ALA A 59 -2.86 -65.66 7.96
CA ALA A 59 -1.71 -65.22 7.17
C ALA A 59 -1.22 -66.31 6.22
N SER A 60 -1.26 -67.56 6.66
CA SER A 60 -0.78 -68.66 5.85
C SER A 60 -1.82 -69.16 4.87
N GLY A 61 -2.95 -68.47 4.74
CA GLY A 61 -3.99 -68.86 3.82
C GLY A 61 -4.14 -67.89 2.67
N ALA A 62 -5.26 -68.01 1.96
CA ALA A 62 -5.49 -67.21 0.77
C ALA A 62 -6.90 -66.65 0.76
N ASN A 63 -7.05 -65.49 0.12
CA ASN A 63 -8.32 -64.78 -0.03
C ASN A 63 -8.97 -64.46 1.30
N TYR A 64 -8.20 -64.32 2.33
CA TYR A 64 -8.79 -63.78 3.53
C TYR A 64 -8.98 -62.28 3.35
N PRO A 65 -10.09 -61.71 3.79
CA PRO A 65 -10.29 -60.27 3.59
C PRO A 65 -9.31 -59.42 4.37
N ILE A 66 -8.77 -59.95 5.45
CA ILE A 66 -7.86 -59.24 6.34
C ILE A 66 -7.09 -60.33 7.07
N VAL A 67 -5.80 -60.09 7.29
CA VAL A 67 -5.02 -61.09 8.02
C VAL A 67 -5.35 -60.97 9.50
N ARG A 68 -6.33 -61.75 9.95
CA ARG A 68 -6.88 -61.57 11.28
C ARG A 68 -7.81 -62.75 11.56
N ALA A 69 -7.70 -63.30 12.75
CA ALA A 69 -8.68 -64.29 13.20
C ALA A 69 -10.08 -63.73 13.03
N GLY A 70 -11.04 -64.61 12.77
CA GLY A 70 -12.39 -64.12 12.51
C GLY A 70 -13.38 -65.23 12.27
N LEU A 71 -14.63 -64.82 12.08
CA LEU A 71 -15.74 -65.73 11.82
C LEU A 71 -16.16 -65.63 10.36
N LEU A 72 -16.23 -66.76 9.67
CA LEU A 72 -16.63 -66.81 8.27
C LEU A 72 -17.98 -67.47 8.17
N HIS A 73 -18.89 -66.84 7.43
CA HIS A 73 -20.18 -67.41 7.06
C HIS A 73 -20.19 -67.67 5.57
N VAL A 74 -20.68 -68.83 5.18
CA VAL A 74 -20.83 -69.17 3.77
C VAL A 74 -22.30 -69.49 3.54
N TYR A 75 -22.92 -68.82 2.59
CA TYR A 75 -24.29 -69.11 2.15
C TYR A 75 -24.24 -69.54 0.69
N ALA A 76 -24.20 -70.84 0.44
CA ALA A 76 -24.15 -71.34 -0.93
C ALA A 76 -25.57 -71.31 -1.50
N ALA A 77 -25.96 -70.12 -1.99
CA ALA A 77 -27.34 -69.95 -2.44
C ALA A 77 -27.65 -70.87 -3.60
N SER A 78 -26.72 -71.00 -4.53
CA SER A 78 -26.86 -71.86 -5.68
C SER A 78 -25.47 -72.11 -6.24
N SER A 79 -25.39 -72.95 -7.26
CA SER A 79 -24.12 -73.17 -7.94
C SER A 79 -23.53 -71.86 -8.43
N ASN A 80 -24.37 -70.93 -8.88
CA ASN A 80 -23.87 -69.70 -9.49
C ASN A 80 -23.65 -68.57 -8.50
N PHE A 81 -24.10 -68.70 -7.25
CA PHE A 81 -23.97 -67.65 -6.25
C PHE A 81 -23.49 -68.26 -4.94
N ILE A 82 -22.30 -67.86 -4.48
CA ILE A 82 -21.78 -68.27 -3.18
C ILE A 82 -21.53 -66.99 -2.42
N TYR A 83 -22.24 -66.77 -1.33
CA TYR A 83 -22.05 -65.56 -0.54
C TYR A 83 -21.19 -65.86 0.67
N GLN A 84 -20.36 -64.90 1.08
CA GLN A 84 -19.50 -65.04 2.24
C GLN A 84 -19.48 -63.77 3.06
N THR A 85 -19.38 -63.91 4.37
CA THR A 85 -19.08 -62.78 5.24
C THR A 85 -17.94 -63.18 6.16
N TYR A 86 -17.20 -62.18 6.62
CA TYR A 86 -16.10 -62.39 7.54
C TYR A 86 -16.14 -61.32 8.61
N GLN A 87 -16.23 -61.73 9.86
CA GLN A 87 -16.17 -60.81 10.99
C GLN A 87 -14.81 -60.95 11.68
N ALA A 88 -14.00 -59.91 11.63
CA ALA A 88 -12.71 -59.98 12.30
C ALA A 88 -12.90 -60.06 13.80
N TYR A 89 -12.09 -60.89 14.45
CA TYR A 89 -12.27 -61.14 15.88
C TYR A 89 -12.01 -59.90 16.71
N ASP A 90 -11.09 -59.03 16.26
CA ASP A 90 -10.75 -57.81 16.98
C ASP A 90 -11.59 -56.62 16.54
N GLY A 91 -12.65 -56.86 15.79
CA GLY A 91 -13.44 -55.77 15.28
C GLY A 91 -12.74 -54.93 14.25
N GLU A 92 -11.68 -55.46 13.61
CA GLU A 92 -10.98 -54.66 12.62
C GLU A 92 -11.96 -54.15 11.57
N SER A 93 -12.81 -55.03 11.07
CA SER A 93 -14.02 -54.65 10.35
C SER A 93 -14.82 -55.91 10.07
N PHE A 94 -15.80 -55.76 9.19
CA PHE A 94 -16.68 -56.83 8.76
C PHE A 94 -16.72 -56.80 7.24
N TYR A 95 -16.57 -57.95 6.61
CA TYR A 95 -16.33 -58.02 5.17
C TYR A 95 -17.38 -58.89 4.51
N PHE A 96 -17.64 -58.65 3.23
CA PHE A 96 -18.52 -59.54 2.48
C PHE A 96 -18.15 -59.56 1.01
N ARG A 97 -18.50 -60.67 0.36
CA ARG A 97 -18.21 -60.88 -1.05
C ARG A 97 -19.11 -61.99 -1.57
N CYS A 98 -19.05 -62.20 -2.88
CA CYS A 98 -19.87 -63.22 -3.53
C CYS A 98 -19.16 -63.76 -4.76
N ARG A 99 -19.37 -65.04 -5.05
CA ARG A 99 -18.85 -65.68 -6.26
C ARG A 99 -19.97 -65.76 -7.28
N HIS A 100 -19.84 -65.03 -8.37
CA HIS A 100 -20.85 -65.07 -9.41
C HIS A 100 -20.23 -65.66 -10.68
N SER A 101 -20.95 -66.61 -11.28
CA SER A 101 -20.45 -67.42 -12.40
C SER A 101 -18.94 -67.67 -12.33
N ASN A 102 -18.50 -68.34 -11.27
CA ASN A 102 -17.12 -68.82 -11.08
C ASN A 102 -16.11 -67.70 -10.93
N THR A 103 -16.53 -66.51 -10.57
CA THR A 103 -15.59 -65.43 -10.32
C THR A 103 -15.96 -64.75 -9.01
N TRP A 104 -14.98 -64.61 -8.13
CA TRP A 104 -15.22 -63.98 -6.84
C TRP A 104 -15.12 -62.48 -7.00
N PHE A 105 -16.19 -61.76 -6.65
CA PHE A 105 -16.09 -60.33 -6.50
C PHE A 105 -15.12 -59.99 -5.37
N PRO A 106 -14.57 -58.78 -5.36
CA PRO A 106 -13.65 -58.42 -4.27
C PRO A 106 -14.39 -58.31 -2.94
N TRP A 107 -13.63 -58.46 -1.87
CA TRP A 107 -14.20 -58.27 -0.55
C TRP A 107 -14.56 -56.80 -0.35
N ARG A 108 -15.78 -56.55 0.09
CA ARG A 108 -16.16 -55.22 0.55
C ARG A 108 -15.83 -55.11 2.02
N ARG A 109 -15.29 -53.97 2.44
CA ARG A 109 -14.93 -53.74 3.83
C ARG A 109 -15.80 -52.61 4.38
N MET A 110 -16.48 -52.89 5.47
CA MET A 110 -17.39 -51.94 6.10
C MET A 110 -16.61 -50.78 6.70
N TRP A 111 -17.18 -49.58 6.66
CA TRP A 111 -16.69 -48.46 7.45
C TRP A 111 -17.40 -48.45 8.79
N HIS A 112 -16.65 -48.29 9.87
CA HIS A 112 -17.27 -48.21 11.18
C HIS A 112 -16.64 -47.10 12.01
N GLY A 113 -17.17 -46.96 13.22
CA GLY A 113 -16.77 -45.89 14.12
C GLY A 113 -15.31 -45.95 14.58
N GLY A 114 -14.67 -47.10 14.45
CA GLY A 114 -13.26 -47.15 14.78
C GLY A 114 -12.34 -46.74 13.65
N ASP A 115 -12.88 -46.51 12.46
CA ASP A 115 -12.05 -46.11 11.33
C ASP A 115 -11.85 -44.60 11.31
N PHE A 116 -12.95 -43.86 11.44
CA PHE A 116 -12.98 -42.42 11.34
C PHE A 116 -14.28 -41.90 11.95
N ASN A 117 -14.31 -40.61 12.23
CA ASN A 117 -15.55 -39.97 12.65
C ASN A 117 -15.83 -38.80 11.72
N PRO A 118 -17.00 -38.73 11.10
CA PRO A 118 -17.27 -37.64 10.16
C PRO A 118 -17.09 -36.26 10.76
N SER A 119 -17.33 -36.11 12.05
CA SER A 119 -17.18 -34.81 12.69
C SER A 119 -15.78 -34.24 12.55
N ASP A 120 -14.79 -35.07 12.25
CA ASP A 120 -13.44 -34.57 12.08
C ASP A 120 -13.18 -34.00 10.68
N TYR A 121 -14.13 -34.12 9.76
CA TYR A 121 -13.91 -33.71 8.39
C TYR A 121 -14.74 -32.48 8.07
N LEU A 122 -14.21 -31.62 7.20
CA LEU A 122 -14.85 -30.35 6.91
C LEU A 122 -16.06 -30.53 6.02
N LEU A 123 -17.21 -30.03 6.47
CA LEU A 123 -18.38 -29.96 5.61
C LEU A 123 -18.16 -28.91 4.52
N LYS A 124 -18.78 -29.14 3.36
CA LYS A 124 -18.81 -28.09 2.35
C LYS A 124 -19.44 -26.81 2.91
N SER A 125 -20.39 -26.94 3.84
CA SER A 125 -21.02 -25.77 4.41
C SER A 125 -20.07 -24.98 5.31
N GLY A 126 -18.96 -25.56 5.74
CA GLY A 126 -18.02 -24.83 6.57
C GLY A 126 -16.77 -24.42 5.83
N PHE A 127 -16.89 -24.32 4.50
CA PHE A 127 -15.79 -23.96 3.62
C PHE A 127 -16.11 -22.61 3.00
N TYR A 128 -15.67 -21.54 3.66
CA TYR A 128 -15.80 -20.18 3.13
C TYR A 128 -14.76 -19.30 3.80
N TRP A 129 -14.68 -18.05 3.32
CA TRP A 129 -13.60 -17.17 3.71
C TRP A 129 -13.57 -16.91 5.22
N ASN A 130 -14.70 -16.46 5.78
CA ASN A 130 -14.70 -16.05 7.19
C ASN A 130 -14.48 -17.21 8.13
N ALA A 131 -14.75 -18.43 7.69
CA ALA A 131 -14.49 -19.60 8.51
C ALA A 131 -13.05 -20.06 8.45
N LEU A 132 -12.34 -19.75 7.36
CA LEU A 132 -10.96 -20.19 7.20
C LEU A 132 -10.07 -19.59 8.28
N PRO A 133 -9.46 -20.39 9.15
CA PRO A 133 -8.64 -19.82 10.22
C PRO A 133 -7.23 -19.48 9.75
N GLY A 134 -6.53 -18.74 10.61
CA GLY A 134 -5.15 -18.38 10.34
C GLY A 134 -4.96 -17.33 9.26
N LYS A 135 -6.01 -16.63 8.86
CA LYS A 135 -5.87 -15.63 7.84
C LYS A 135 -5.04 -14.45 8.35
N PRO A 136 -4.09 -13.96 7.55
CA PRO A 136 -3.34 -12.78 7.95
C PRO A 136 -4.24 -11.57 8.09
N ALA A 137 -3.86 -10.67 9.01
CA ALA A 137 -4.57 -9.40 9.15
C ALA A 137 -4.33 -8.49 7.95
N THR A 138 -3.13 -8.52 7.38
CA THR A 138 -2.78 -7.70 6.24
C THR A 138 -2.17 -8.56 5.13
N PHE A 139 -2.29 -8.09 3.90
CA PHE A 139 -1.86 -8.88 2.75
C PHE A 139 -0.89 -8.12 1.88
N PRO A 140 0.18 -8.77 1.44
CA PRO A 140 1.12 -8.14 0.50
C PRO A 140 0.39 -7.68 -0.75
N PRO A 141 0.40 -6.38 -1.03
CA PRO A 141 -0.38 -5.86 -2.15
C PRO A 141 0.36 -6.02 -3.47
N SER A 142 -0.44 -5.99 -4.54
CA SER A 142 0.09 -6.07 -5.88
C SER A 142 0.28 -4.66 -6.41
N ALA A 143 0.59 -4.54 -7.70
CA ALA A 143 0.84 -3.22 -8.28
C ALA A 143 -0.44 -2.40 -8.33
N HIS A 144 -0.47 -1.30 -7.58
CA HIS A 144 -1.59 -0.39 -7.60
C HIS A 144 -1.07 1.05 -7.69
N ASN A 145 -1.87 1.90 -8.30
CA ASN A 145 -1.63 3.33 -8.34
C ASN A 145 -2.38 4.03 -7.21
N HIS A 146 -1.89 5.19 -6.83
CA HIS A 146 -2.58 6.04 -5.88
C HIS A 146 -2.92 7.38 -6.49
N ASP A 147 -3.97 7.99 -5.97
CA ASP A 147 -4.19 9.42 -6.15
C ASP A 147 -3.40 10.14 -5.06
N VAL A 148 -2.93 11.33 -5.41
CA VAL A 148 -2.14 12.13 -4.47
C VAL A 148 -2.86 12.34 -3.14
N GLY A 149 -4.19 12.42 -3.17
CA GLY A 149 -5.00 12.71 -1.99
C GLY A 149 -4.85 11.71 -0.85
N GLN A 150 -4.37 10.51 -1.14
CA GLN A 150 -4.14 9.51 -0.12
C GLN A 150 -2.79 9.64 0.54
N LEU A 151 -2.02 10.66 0.18
CA LEU A 151 -0.89 11.09 0.97
C LEU A 151 -1.48 12.02 2.01
N THR A 152 -1.46 11.58 3.27
CA THR A 152 -2.16 12.29 4.34
C THR A 152 -1.24 12.68 5.48
N SER A 153 0.06 12.44 5.36
CA SER A 153 1.02 12.86 6.35
C SER A 153 2.42 12.78 5.76
N GLY A 154 3.32 13.58 6.32
CA GLY A 154 4.67 13.69 5.84
C GLY A 154 4.84 14.86 4.89
N ILE A 155 6.11 15.19 4.67
CA ILE A 155 6.50 16.30 3.82
C ILE A 155 7.47 15.74 2.78
N LEU A 156 7.09 15.82 1.52
CA LEU A 156 7.92 15.25 0.47
C LEU A 156 9.25 16.00 0.36
N PRO A 157 10.38 15.32 0.41
CA PRO A 157 11.67 15.99 0.35
C PRO A 157 12.09 16.30 -1.08
N LEU A 158 13.12 17.13 -1.21
CA LEU A 158 13.61 17.46 -2.53
C LEU A 158 14.10 16.23 -3.27
N ALA A 159 14.70 15.28 -2.55
CA ALA A 159 15.20 14.08 -3.21
C ALA A 159 14.11 13.31 -3.92
N ARG A 160 12.85 13.58 -3.60
CA ARG A 160 11.71 12.92 -4.22
C ARG A 160 10.93 13.84 -5.15
N GLY A 161 11.45 15.03 -5.45
CA GLY A 161 10.70 16.01 -6.18
C GLY A 161 9.78 16.86 -5.35
N GLY A 162 10.02 16.97 -4.05
CA GLY A 162 9.24 17.80 -3.17
C GLY A 162 9.97 19.07 -2.80
N VAL A 163 9.36 19.85 -1.92
CA VAL A 163 9.97 21.10 -1.49
C VAL A 163 10.42 21.08 -0.06
N GLY A 164 10.34 19.93 0.61
CA GLY A 164 10.97 19.72 1.90
C GLY A 164 10.51 20.64 3.02
N SER A 165 9.31 21.18 2.93
CA SER A 165 8.73 22.04 3.94
C SER A 165 7.24 22.12 3.69
N ASN A 166 6.49 22.52 4.70
CA ASN A 166 5.09 22.87 4.50
C ASN A 166 4.84 24.36 4.63
N THR A 167 5.89 25.17 4.53
CA THR A 167 5.76 26.62 4.54
C THR A 167 6.31 27.19 3.24
N ALA A 168 5.78 28.34 2.85
CA ALA A 168 6.28 29.01 1.66
C ALA A 168 7.75 29.39 1.83
N ALA A 169 8.09 30.02 2.95
CA ALA A 169 9.48 30.37 3.21
C ALA A 169 10.38 29.15 3.22
N GLY A 170 9.90 28.06 3.82
CA GLY A 170 10.71 26.84 3.88
C GLY A 170 10.86 26.18 2.53
N ALA A 171 9.84 26.28 1.68
CA ALA A 171 9.96 25.74 0.33
C ALA A 171 11.04 26.46 -0.47
N ARG A 172 10.96 27.80 -0.51
CA ARG A 172 11.97 28.56 -1.23
C ARG A 172 13.35 28.24 -0.72
N SER A 173 13.49 28.08 0.59
CA SER A 173 14.79 27.78 1.16
C SER A 173 15.33 26.48 0.59
N THR A 174 14.49 25.46 0.52
CA THR A 174 14.88 24.17 -0.02
C THR A 174 15.39 24.28 -1.46
N ILE A 175 14.76 25.12 -2.28
CA ILE A 175 15.08 25.18 -3.69
C ILE A 175 15.81 26.46 -4.05
N GLY A 176 16.20 27.26 -3.07
CA GLY A 176 17.01 28.43 -3.34
C GLY A 176 16.31 29.51 -4.11
N ALA A 177 15.03 29.71 -3.86
CA ALA A 177 14.23 30.66 -4.61
C ALA A 177 14.20 32.00 -3.88
N GLY A 178 14.06 33.08 -4.65
CA GLY A 178 13.78 34.38 -4.11
C GLY A 178 12.31 34.73 -4.16
N VAL A 179 11.98 35.90 -3.63
CA VAL A 179 10.61 36.39 -3.58
C VAL A 179 10.41 37.44 -4.67
N PRO A 180 9.18 37.72 -5.07
CA PRO A 180 8.97 38.74 -6.10
C PRO A 180 9.29 40.13 -5.60
N ALA A 181 9.98 40.89 -6.44
CA ALA A 181 10.01 42.32 -6.26
C ALA A 181 8.61 42.88 -6.47
N THR A 182 8.34 44.02 -5.84
CA THR A 182 7.11 44.74 -6.04
C THR A 182 7.44 46.14 -6.51
N ALA A 183 6.45 46.83 -7.03
CA ALA A 183 6.73 48.11 -7.66
C ALA A 183 5.43 48.83 -7.94
N SER A 184 5.54 50.14 -8.15
CA SER A 184 4.49 50.94 -8.79
C SER A 184 5.21 51.81 -9.81
N LEU A 185 5.11 51.44 -11.08
CA LEU A 185 5.93 52.02 -12.14
C LEU A 185 5.22 53.15 -12.85
N GLY A 186 4.69 54.11 -12.09
CA GLY A 186 4.13 55.30 -12.67
C GLY A 186 5.18 56.35 -12.98
N ALA A 187 4.74 57.40 -13.66
CA ALA A 187 5.61 58.51 -14.01
C ALA A 187 6.49 58.92 -12.84
N SER A 188 5.93 58.83 -11.64
CA SER A 188 6.66 58.96 -10.39
C SER A 188 6.30 57.74 -9.56
N GLY A 189 7.29 57.00 -9.11
CA GLY A 189 7.00 55.70 -8.55
C GLY A 189 8.10 55.12 -7.68
N TRP A 190 8.06 53.81 -7.54
CA TRP A 190 9.02 53.12 -6.70
C TRP A 190 9.13 51.68 -7.15
N TRP A 191 10.20 51.03 -6.68
CA TRP A 191 10.48 49.64 -6.96
C TRP A 191 11.16 49.08 -5.73
N ARG A 192 10.76 47.89 -5.31
CA ARG A 192 11.31 47.32 -4.09
C ARG A 192 11.73 45.88 -4.31
N ASP A 193 13.00 45.58 -4.04
CA ASP A 193 13.46 44.20 -4.04
C ASP A 193 13.21 43.60 -2.66
N ASN A 194 12.25 42.69 -2.59
CA ASN A 194 11.90 42.16 -1.29
C ASN A 194 12.86 41.11 -0.77
N ASP A 195 13.78 40.62 -1.60
CA ASP A 195 14.84 39.74 -1.08
C ASP A 195 15.70 40.46 -0.05
N THR A 196 16.07 41.72 -0.33
CA THR A 196 17.02 42.47 0.49
C THR A 196 16.40 43.68 1.16
N GLY A 197 15.27 44.17 0.68
CA GLY A 197 14.68 45.37 1.20
C GLY A 197 15.03 46.63 0.46
N LEU A 198 15.82 46.55 -0.60
CA LEU A 198 16.24 47.74 -1.33
C LEU A 198 15.06 48.37 -2.04
N ILE A 199 14.87 49.66 -1.83
CA ILE A 199 13.84 50.44 -2.51
C ILE A 199 14.53 51.51 -3.35
N ARG A 200 14.02 51.69 -4.57
CA ARG A 200 14.46 52.73 -5.47
C ARG A 200 13.24 53.52 -5.92
N GLN A 201 13.39 54.83 -6.02
CA GLN A 201 12.25 55.73 -6.23
C GLN A 201 12.65 56.86 -7.19
N TRP A 202 11.65 57.41 -7.87
CA TRP A 202 11.90 58.46 -8.84
C TRP A 202 10.77 59.48 -8.85
N GLY A 203 11.09 60.70 -9.31
CA GLY A 203 10.10 61.74 -9.47
C GLY A 203 10.70 62.97 -10.13
N GLN A 204 9.86 63.98 -10.28
CA GLN A 204 10.25 65.25 -10.89
C GLN A 204 9.91 66.38 -9.92
N VAL A 205 10.62 67.49 -10.04
CA VAL A 205 10.32 68.64 -9.19
C VAL A 205 10.70 69.92 -9.93
N THR A 206 9.83 70.91 -9.85
CA THR A 206 10.14 72.25 -10.34
C THR A 206 10.98 72.99 -9.31
N CYS A 207 12.14 73.47 -9.72
CA CYS A 207 13.02 74.17 -8.82
C CYS A 207 13.11 75.64 -9.20
N PRO A 208 13.18 76.54 -8.23
CA PRO A 208 13.51 77.92 -8.54
C PRO A 208 14.94 78.04 -9.05
N ALA A 209 15.20 79.15 -9.71
CA ALA A 209 16.54 79.44 -10.19
C ALA A 209 17.51 79.46 -9.03
N ASP A 210 18.69 78.87 -9.23
CA ASP A 210 19.77 78.91 -8.26
C ASP A 210 19.27 78.67 -6.82
N ALA A 211 18.47 77.63 -6.63
CA ALA A 211 17.84 77.44 -5.32
C ALA A 211 17.41 75.99 -5.13
N ASP A 212 16.86 75.74 -3.95
CA ASP A 212 16.45 74.42 -3.47
C ASP A 212 14.96 74.23 -3.67
N ALA A 213 14.56 72.96 -3.68
CA ALA A 213 13.17 72.57 -3.65
C ALA A 213 13.08 71.24 -2.92
N SER A 214 12.03 71.06 -2.14
CA SER A 214 11.87 69.82 -1.42
C SER A 214 11.02 68.86 -2.22
N ILE A 215 11.35 67.59 -2.12
CA ILE A 215 10.57 66.52 -2.73
C ILE A 215 10.08 65.61 -1.62
N THR A 216 8.98 64.95 -1.89
CA THR A 216 8.48 63.92 -1.00
C THR A 216 8.42 62.61 -1.77
N PHE A 217 9.06 61.59 -1.23
CA PHE A 217 9.16 60.32 -1.92
C PHE A 217 7.78 59.71 -2.11
N PRO A 218 7.55 59.02 -3.21
CA PRO A 218 6.26 58.34 -3.41
C PRO A 218 5.83 57.46 -2.24
N ILE A 219 6.76 56.70 -1.67
CA ILE A 219 6.54 56.01 -0.41
C ILE A 219 7.68 56.35 0.50
N PRO A 220 7.50 56.26 1.81
CA PRO A 220 8.61 56.51 2.72
C PRO A 220 9.57 55.33 2.75
N PHE A 221 10.86 55.65 2.87
CA PHE A 221 11.82 54.60 3.16
C PHE A 221 11.59 54.11 4.59
N PRO A 222 11.49 52.80 4.80
CA PRO A 222 11.21 52.31 6.16
C PRO A 222 12.27 52.66 7.17
N THR A 223 13.50 52.92 6.75
CA THR A 223 14.57 53.03 7.71
C THR A 223 15.45 54.22 7.42
N LEU A 224 15.91 54.35 6.20
CA LEU A 224 16.71 55.49 5.82
C LEU A 224 16.90 55.54 4.32
N CYS A 225 17.16 56.75 3.83
CA CYS A 225 17.52 56.98 2.45
C CYS A 225 19.03 56.84 2.32
N LEU A 226 19.46 56.01 1.38
CA LEU A 226 20.88 55.79 1.24
C LEU A 226 21.55 56.70 0.21
N GLY A 227 20.79 57.28 -0.70
CA GLY A 227 21.41 58.13 -1.70
C GLY A 227 20.42 58.58 -2.74
N GLY A 228 20.83 59.56 -3.52
CA GLY A 228 20.04 60.02 -4.64
C GLY A 228 20.85 60.90 -5.55
N TYR A 229 20.19 61.41 -6.58
CA TYR A 229 20.79 62.35 -7.52
C TYR A 229 19.65 63.08 -8.22
N ALA A 230 20.00 64.15 -8.94
CA ALA A 230 19.05 64.91 -9.72
C ALA A 230 19.63 65.20 -11.09
N ASN A 231 18.73 65.46 -12.04
CA ASN A 231 19.10 65.59 -13.44
C ASN A 231 18.30 66.71 -14.10
N GLN A 232 18.99 67.55 -14.86
CA GLN A 232 18.35 68.64 -15.60
C GLN A 232 17.56 68.11 -16.79
N THR A 233 16.26 68.32 -16.78
CA THR A 233 15.38 67.82 -17.82
C THR A 233 15.20 68.78 -18.98
N SER A 234 15.79 69.95 -18.92
CA SER A 234 15.51 70.99 -19.88
C SER A 234 16.72 71.26 -20.75
N ALA A 235 16.48 71.96 -21.86
CA ALA A 235 17.56 72.37 -22.76
C ALA A 235 18.23 73.63 -22.22
N PHE A 236 18.90 73.47 -21.09
CA PHE A 236 19.52 74.60 -20.40
C PHE A 236 20.53 75.29 -21.32
N HIS A 237 20.83 76.55 -20.99
CA HIS A 237 21.78 77.31 -21.78
C HIS A 237 23.19 76.81 -21.49
N PRO A 238 23.93 76.32 -22.48
CA PRO A 238 25.22 75.69 -22.17
C PRO A 238 26.33 76.66 -21.82
N GLY A 239 26.08 77.96 -21.83
CA GLY A 239 27.01 79.00 -21.48
C GLY A 239 26.97 79.40 -20.02
N THR A 240 26.33 78.60 -19.18
CA THR A 240 26.20 78.87 -17.75
C THR A 240 26.11 77.56 -16.99
N ASP A 241 26.29 77.64 -15.68
CA ASP A 241 26.17 76.48 -14.81
C ASP A 241 24.75 75.93 -14.84
N ALA A 242 24.65 74.59 -14.86
CA ALA A 242 23.38 73.87 -14.64
C ALA A 242 23.64 72.66 -13.74
N SER A 243 24.23 72.88 -12.58
CA SER A 243 24.54 71.80 -11.67
C SER A 243 23.29 71.29 -10.98
N THR A 244 23.45 70.19 -10.25
CA THR A 244 22.36 69.55 -9.54
C THR A 244 22.86 69.13 -8.17
N GLY A 245 21.92 68.87 -7.27
CA GLY A 245 22.26 68.41 -5.95
C GLY A 245 21.16 67.56 -5.36
N PHE A 246 21.56 66.53 -4.62
CA PHE A 246 20.64 65.73 -3.83
C PHE A 246 21.22 65.69 -2.44
N ARG A 247 20.46 66.13 -1.45
CA ARG A 247 21.01 66.16 -0.09
C ARG A 247 19.89 66.21 0.93
N GLY A 248 20.28 66.04 2.19
CA GLY A 248 19.39 66.21 3.31
C GLY A 248 18.17 65.32 3.27
N ALA A 249 18.36 64.06 2.93
CA ALA A 249 17.26 63.13 2.84
C ALA A 249 16.85 62.66 4.23
N THR A 250 15.58 62.35 4.35
CA THR A 250 15.00 61.69 5.50
C THR A 250 14.35 60.41 4.99
N THR A 251 13.52 59.79 5.83
CA THR A 251 12.75 58.67 5.34
C THR A 251 11.70 59.10 4.32
N THR A 252 11.32 60.38 4.30
CA THR A 252 10.20 60.84 3.50
C THR A 252 10.50 61.98 2.54
N THR A 253 11.56 62.76 2.78
CA THR A 253 11.79 63.93 1.97
C THR A 253 13.27 64.06 1.66
N ALA A 254 13.57 64.93 0.72
CA ALA A 254 14.94 65.25 0.35
C ALA A 254 14.93 66.65 -0.23
N VAL A 255 16.12 67.20 -0.41
CA VAL A 255 16.28 68.55 -0.93
C VAL A 255 17.02 68.49 -2.24
N ILE A 256 16.40 69.00 -3.30
CA ILE A 256 16.99 69.02 -4.63
C ILE A 256 17.43 70.45 -4.92
N ARG A 257 18.72 70.63 -5.17
CA ARG A 257 19.30 71.95 -5.46
C ARG A 257 19.50 72.10 -6.97
N ASN A 258 19.08 73.26 -7.49
CA ASN A 258 19.15 73.56 -8.92
C ASN A 258 20.14 74.69 -9.14
N GLY A 259 21.27 74.38 -9.77
CA GLY A 259 22.28 75.36 -10.07
C GLY A 259 22.08 76.15 -11.35
N TYR A 260 20.97 75.96 -12.03
CA TYR A 260 20.67 76.72 -13.23
C TYR A 260 20.07 78.06 -12.86
N PHE A 261 20.41 79.10 -13.63
CA PHE A 261 19.97 80.45 -13.31
C PHE A 261 18.50 80.70 -13.63
N ALA A 262 17.80 79.72 -14.19
CA ALA A 262 16.36 79.84 -14.42
C ALA A 262 15.65 78.78 -13.60
N GLN A 263 14.36 78.99 -13.38
CA GLN A 263 13.58 77.93 -12.77
C GLN A 263 13.49 76.78 -13.76
N ALA A 264 13.56 75.56 -13.25
CA ALA A 264 13.74 74.39 -14.10
C ALA A 264 13.11 73.17 -13.46
N VAL A 265 12.77 72.20 -14.29
CA VAL A 265 12.29 70.92 -13.82
C VAL A 265 13.46 69.96 -13.74
N LEU A 266 13.70 69.40 -12.56
CA LEU A 266 14.74 68.39 -12.35
C LEU A 266 14.09 67.06 -12.00
N SER A 267 14.49 66.00 -12.68
CA SER A 267 14.10 64.67 -12.26
C SER A 267 15.09 64.16 -11.22
N TRP A 268 14.66 63.17 -10.45
CA TRP A 268 15.54 62.61 -9.44
C TRP A 268 15.32 61.12 -9.32
N GLU A 269 16.31 60.46 -8.72
CA GLU A 269 16.22 59.08 -8.24
C GLU A 269 16.77 59.03 -6.83
N ALA A 270 16.27 58.09 -6.05
CA ALA A 270 16.73 57.89 -4.68
C ALA A 270 16.54 56.42 -4.33
N PHE A 271 17.40 55.92 -3.45
CA PHE A 271 17.37 54.53 -3.03
C PHE A 271 17.58 54.43 -1.52
N GLY A 272 17.15 53.32 -0.93
CA GLY A 272 17.24 53.14 0.50
C GLY A 272 16.56 51.86 0.92
N ARG A 273 16.16 51.80 2.20
CA ARG A 273 15.60 50.56 2.75
C ARG A 273 14.90 50.69 4.10
MG MG B . 24.26 79.04 -11.36
NI NI C . -0.30 1.59 -1.63
#